data_7BW5
#
_entry.id   7BW5
#
_entity_poly.entity_id   1
_entity_poly.type   'polypeptide(L)'
_entity_poly.pdbx_seq_one_letter_code
;GPKGDFPDVGDGRILAG
;
_entity_poly.pdbx_strand_id   A
#
# COMPACT_ATOMS: atom_id res chain seq x y z
N GLY A 1 1.76 0.13 -2.72
CA GLY A 1 1.72 1.34 -1.92
C GLY A 1 2.83 1.39 -0.88
N PRO A 2 3.18 2.59 -0.40
CA PRO A 2 4.23 2.76 0.60
C PRO A 2 3.72 2.57 2.03
N LYS A 3 3.16 3.63 2.61
CA LYS A 3 2.63 3.56 3.96
C LYS A 3 1.16 3.16 3.96
N GLY A 4 0.90 1.87 4.12
CA GLY A 4 -0.47 1.38 4.12
C GLY A 4 -0.59 0.01 4.75
N ASP A 5 -1.76 -0.61 4.58
CA ASP A 5 -2.01 -1.94 5.13
C ASP A 5 -2.02 -3.00 4.04
N PHE A 6 -1.94 -2.57 2.78
CA PHE A 6 -1.94 -3.49 1.65
C PHE A 6 -0.57 -3.53 0.98
N PRO A 7 0.32 -4.43 1.44
CA PRO A 7 1.68 -4.55 0.89
C PRO A 7 1.70 -4.49 -0.64
N ASP A 8 2.45 -3.53 -1.16
CA ASP A 8 2.56 -3.35 -2.61
C ASP A 8 3.99 -3.04 -3.02
N VAL A 9 4.53 -1.97 -2.47
CA VAL A 9 5.90 -1.55 -2.77
C VAL A 9 6.60 -0.96 -1.55
N GLY A 10 6.23 -1.46 -0.38
CA GLY A 10 6.82 -0.96 0.85
C GLY A 10 6.11 -1.48 2.09
N ASP A 11 5.29 -0.63 2.69
CA ASP A 11 4.54 -1.01 3.89
C ASP A 11 3.12 -1.41 3.53
N GLY A 12 2.55 -0.75 2.53
CA GLY A 12 1.20 -1.07 2.11
C GLY A 12 0.55 0.08 1.33
N ARG A 13 -0.63 -0.19 0.79
CA ARG A 13 -1.36 0.81 0.01
C ARG A 13 -2.68 1.16 0.68
N ILE A 14 -3.29 2.25 0.25
CA ILE A 14 -4.57 2.69 0.81
C ILE A 14 -5.67 2.65 -0.25
N LEU A 15 -5.32 3.00 -1.48
CA LEU A 15 -6.28 3.01 -2.58
C LEU A 15 -5.80 2.12 -3.72
N ALA A 16 -6.74 1.44 -4.37
CA ALA A 16 -6.41 0.55 -5.47
C ALA A 16 -7.45 0.65 -6.59
N GLY A 17 -7.72 1.89 -7.02
CA GLY A 17 -8.69 2.10 -8.08
C GLY A 17 -8.22 1.56 -9.42
N GLY A 1 1.66 -0.97 -2.08
CA GLY A 1 1.73 0.46 -1.92
C GLY A 1 2.68 0.88 -0.82
N PRO A 2 2.95 2.19 -0.68
CA PRO A 2 3.85 2.71 0.34
C PRO A 2 3.24 2.65 1.75
N LYS A 3 2.55 3.71 2.16
CA LYS A 3 1.93 3.76 3.47
C LYS A 3 0.50 3.22 3.41
N GLY A 4 0.35 1.90 3.51
CA GLY A 4 -0.97 1.31 3.46
C GLY A 4 -1.03 -0.01 4.22
N ASP A 5 -2.09 -0.79 3.96
CA ASP A 5 -2.28 -2.07 4.62
C ASP A 5 -2.05 -3.24 3.65
N PHE A 6 -1.89 -2.93 2.37
CA PHE A 6 -1.67 -3.96 1.36
C PHE A 6 -0.24 -3.87 0.81
N PRO A 7 0.73 -4.50 1.50
CA PRO A 7 2.13 -4.49 1.10
C PRO A 7 2.31 -4.72 -0.41
N ASP A 8 2.74 -3.68 -1.11
CA ASP A 8 2.96 -3.77 -2.54
C ASP A 8 4.31 -3.17 -2.93
N VAL A 9 4.60 -1.98 -2.39
CA VAL A 9 5.86 -1.31 -2.67
C VAL A 9 6.31 -0.48 -1.47
N GLY A 10 6.40 -1.13 -0.30
CA GLY A 10 6.81 -0.45 0.91
C GLY A 10 6.13 -0.99 2.15
N ASP A 11 5.14 -0.26 2.65
CA ASP A 11 4.40 -0.67 3.83
C ASP A 11 3.04 -1.26 3.44
N GLY A 12 2.46 -0.72 2.37
CA GLY A 12 1.18 -1.20 1.91
C GLY A 12 0.41 -0.15 1.11
N ARG A 13 -0.64 -0.58 0.43
CA ARG A 13 -1.45 0.32 -0.38
C ARG A 13 -2.71 0.75 0.38
N ILE A 14 -3.09 2.01 0.21
CA ILE A 14 -4.27 2.55 0.88
C ILE A 14 -5.35 2.90 -0.13
N LEU A 15 -4.93 3.23 -1.35
CA LEU A 15 -5.87 3.59 -2.41
C LEU A 15 -5.59 2.78 -3.68
N ALA A 16 -6.10 1.55 -3.70
CA ALA A 16 -5.91 0.68 -4.86
C ALA A 16 -7.08 0.77 -5.82
N GLY A 17 -7.50 2.00 -6.12
CA GLY A 17 -8.62 2.20 -7.03
C GLY A 17 -8.73 3.64 -7.50
N GLY A 1 1.64 -0.66 -1.80
CA GLY A 1 1.85 0.75 -1.51
C GLY A 1 2.91 0.98 -0.44
N PRO A 2 3.30 2.25 -0.22
CA PRO A 2 4.31 2.58 0.80
C PRO A 2 3.76 2.48 2.22
N LYS A 3 3.22 3.58 2.75
CA LYS A 3 2.68 3.59 4.10
C LYS A 3 1.19 3.22 4.09
N GLY A 4 0.90 1.93 4.11
CA GLY A 4 -0.48 1.48 4.11
C GLY A 4 -0.67 0.17 4.84
N ASP A 5 -1.76 -0.53 4.55
CA ASP A 5 -2.06 -1.80 5.17
C ASP A 5 -1.95 -2.96 4.19
N PHE A 6 -2.02 -2.64 2.89
CA PHE A 6 -1.93 -3.65 1.85
C PHE A 6 -0.60 -3.55 1.10
N PRO A 7 0.42 -4.30 1.53
CA PRO A 7 1.75 -4.28 0.90
C PRO A 7 1.67 -4.32 -0.61
N ASP A 8 2.50 -3.50 -1.26
CA ASP A 8 2.54 -3.44 -2.72
C ASP A 8 3.88 -2.89 -3.21
N VAL A 9 4.34 -1.83 -2.56
CA VAL A 9 5.62 -1.20 -2.93
C VAL A 9 6.29 -0.58 -1.71
N GLY A 10 6.25 -1.29 -0.59
CA GLY A 10 6.86 -0.79 0.63
C GLY A 10 6.28 -1.42 1.87
N ASP A 11 5.30 -0.74 2.48
CA ASP A 11 4.66 -1.24 3.69
C ASP A 11 3.20 -1.59 3.41
N GLY A 12 2.55 -0.80 2.56
CA GLY A 12 1.16 -1.04 2.22
C GLY A 12 0.53 0.12 1.47
N ARG A 13 -0.55 -0.18 0.75
CA ARG A 13 -1.25 0.84 -0.02
C ARG A 13 -2.59 1.22 0.64
N ILE A 14 -3.37 2.03 -0.05
CA ILE A 14 -4.66 2.45 0.46
C ILE A 14 -5.73 2.45 -0.64
N LEU A 15 -5.35 2.94 -1.81
CA LEU A 15 -6.27 2.99 -2.95
C LEU A 15 -6.15 1.75 -3.82
N ALA A 16 -7.23 1.38 -4.48
CA ALA A 16 -7.24 0.20 -5.34
C ALA A 16 -7.19 0.60 -6.82
N GLY A 17 -7.80 1.73 -7.13
CA GLY A 17 -7.82 2.21 -8.50
C GLY A 17 -7.59 3.70 -8.61
N GLY A 1 2.01 -0.47 -1.86
CA GLY A 1 2.34 0.92 -1.62
C GLY A 1 3.23 1.12 -0.42
N PRO A 2 3.59 2.39 -0.11
CA PRO A 2 4.44 2.70 1.04
C PRO A 2 3.70 2.59 2.37
N LYS A 3 3.05 3.68 2.79
CA LYS A 3 2.31 3.70 4.05
C LYS A 3 0.86 3.29 3.83
N GLY A 4 0.62 1.98 3.84
CA GLY A 4 -0.73 1.48 3.64
C GLY A 4 -0.96 0.13 4.30
N ASP A 5 -2.15 -0.43 4.09
CA ASP A 5 -2.49 -1.73 4.67
C ASP A 5 -2.50 -2.82 3.60
N PHE A 6 -1.68 -2.64 2.57
CA PHE A 6 -1.60 -3.61 1.48
C PHE A 6 -0.20 -3.60 0.87
N PRO A 7 0.72 -4.42 1.42
CA PRO A 7 2.09 -4.51 0.94
C PRO A 7 2.19 -4.57 -0.58
N ASP A 8 2.62 -3.47 -1.18
CA ASP A 8 2.75 -3.40 -2.64
C ASP A 8 4.15 -2.94 -3.03
N VAL A 9 4.65 -1.91 -2.36
CA VAL A 9 5.98 -1.37 -2.63
C VAL A 9 6.54 -0.67 -1.41
N GLY A 10 6.67 -1.39 -0.32
CA GLY A 10 7.20 -0.82 0.91
C GLY A 10 6.54 -1.40 2.15
N ASP A 11 5.58 -0.66 2.70
CA ASP A 11 4.86 -1.10 3.89
C ASP A 11 3.42 -1.49 3.54
N GLY A 12 2.86 -0.84 2.55
CA GLY A 12 1.51 -1.13 2.14
C GLY A 12 0.83 0.03 1.43
N ARG A 13 -0.27 -0.26 0.75
CA ARG A 13 -1.01 0.78 0.02
C ARG A 13 -2.40 0.96 0.62
N ILE A 14 -3.13 1.97 0.13
CA ILE A 14 -4.47 2.25 0.61
C ILE A 14 -5.37 2.73 -0.53
N LEU A 15 -5.07 2.28 -1.74
CA LEU A 15 -5.85 2.66 -2.92
C LEU A 15 -6.31 1.43 -3.69
N ALA A 16 -7.30 1.61 -4.56
CA ALA A 16 -7.82 0.51 -5.37
C ALA A 16 -8.09 0.96 -6.80
N GLY A 17 -9.07 1.84 -6.96
CA GLY A 17 -9.41 2.34 -8.29
C GLY A 17 -10.12 3.67 -8.24
N GLY A 1 2.00 -0.35 -2.00
CA GLY A 1 2.27 1.04 -1.71
C GLY A 1 3.16 1.22 -0.49
N PRO A 2 3.57 2.46 -0.19
CA PRO A 2 4.43 2.75 0.97
C PRO A 2 3.69 2.61 2.29
N LYS A 3 3.10 3.71 2.78
CA LYS A 3 2.37 3.68 4.04
C LYS A 3 0.89 3.34 3.81
N GLY A 4 0.60 2.04 3.73
CA GLY A 4 -0.78 1.62 3.52
C GLY A 4 -1.09 0.31 4.22
N ASP A 5 -2.12 -0.37 3.74
CA ASP A 5 -2.53 -1.65 4.32
C ASP A 5 -2.32 -2.80 3.35
N PHE A 6 -2.15 -2.48 2.07
CA PHE A 6 -1.95 -3.49 1.04
C PHE A 6 -0.52 -3.46 0.51
N PRO A 7 0.38 -4.25 1.13
CA PRO A 7 1.79 -4.31 0.73
C PRO A 7 1.98 -4.36 -0.78
N ASP A 8 2.58 -3.30 -1.33
CA ASP A 8 2.82 -3.22 -2.77
C ASP A 8 4.24 -2.75 -3.05
N VAL A 9 4.67 -1.72 -2.33
CA VAL A 9 6.02 -1.17 -2.50
C VAL A 9 6.58 -0.69 -1.16
N GLY A 10 6.59 -1.58 -0.18
CA GLY A 10 7.09 -1.23 1.14
C GLY A 10 6.22 -1.78 2.25
N ASP A 11 5.26 -0.97 2.71
CA ASP A 11 4.36 -1.38 3.77
C ASP A 11 2.98 -1.70 3.21
N GLY A 12 2.52 -0.88 2.27
CA GLY A 12 1.22 -1.10 1.67
C GLY A 12 0.63 0.18 1.08
N ARG A 13 -0.44 0.02 0.28
CA ARG A 13 -1.09 1.15 -0.34
C ARG A 13 -2.43 1.44 0.33
N ILE A 14 -2.87 2.69 0.25
CA ILE A 14 -4.14 3.09 0.84
C ILE A 14 -5.29 3.00 -0.17
N LEU A 15 -4.96 3.20 -1.44
CA LEU A 15 -5.97 3.14 -2.50
C LEU A 15 -5.77 1.90 -3.35
N ALA A 16 -6.88 1.29 -3.75
CA ALA A 16 -6.83 0.08 -4.57
C ALA A 16 -8.06 -0.02 -5.48
N GLY A 17 -8.01 0.69 -6.60
CA GLY A 17 -9.13 0.67 -7.53
C GLY A 17 -9.39 2.03 -8.16
N GLY A 1 2.08 -0.79 -1.98
CA GLY A 1 2.34 0.63 -1.84
C GLY A 1 3.20 0.95 -0.63
N PRO A 2 3.36 2.25 -0.30
CA PRO A 2 4.16 2.67 0.83
C PRO A 2 3.35 2.74 2.13
N LYS A 3 2.56 3.79 2.27
CA LYS A 3 1.74 3.98 3.47
C LYS A 3 0.36 3.35 3.28
N GLY A 4 0.21 2.11 3.76
CA GLY A 4 -1.06 1.41 3.64
C GLY A 4 -1.09 0.14 4.46
N ASP A 5 -2.04 -0.74 4.13
CA ASP A 5 -2.19 -2.01 4.85
C ASP A 5 -2.16 -3.19 3.87
N PHE A 6 -1.48 -3.01 2.75
CA PHE A 6 -1.37 -4.05 1.74
C PHE A 6 -0.03 -3.98 1.03
N PRO A 7 0.98 -4.74 1.51
CA PRO A 7 2.32 -4.75 0.92
C PRO A 7 2.30 -4.79 -0.61
N ASP A 8 2.91 -3.79 -1.23
CA ASP A 8 2.95 -3.71 -2.68
C ASP A 8 4.30 -3.15 -3.14
N VAL A 9 4.75 -2.07 -2.49
CA VAL A 9 6.01 -1.44 -2.83
C VAL A 9 6.56 -0.66 -1.63
N GLY A 10 6.38 -1.22 -0.44
CA GLY A 10 6.85 -0.57 0.76
C GLY A 10 6.23 -1.14 2.02
N ASP A 11 5.33 -0.38 2.63
CA ASP A 11 4.66 -0.83 3.84
C ASP A 11 3.25 -1.33 3.53
N GLY A 12 2.63 -0.75 2.51
CA GLY A 12 1.29 -1.15 2.13
C GLY A 12 0.54 -0.06 1.37
N ARG A 13 -0.57 -0.44 0.74
CA ARG A 13 -1.37 0.50 -0.03
C ARG A 13 -2.84 0.46 0.42
N ILE A 14 -3.56 1.52 0.12
CA ILE A 14 -4.98 1.61 0.48
C ILE A 14 -5.74 2.55 -0.45
N LEU A 15 -5.24 2.72 -1.67
CA LEU A 15 -5.87 3.59 -2.64
C LEU A 15 -5.80 3.00 -4.04
N ALA A 16 -6.34 1.79 -4.19
CA ALA A 16 -6.33 1.11 -5.48
C ALA A 16 -7.58 1.45 -6.29
N GLY A 17 -7.67 2.70 -6.73
CA GLY A 17 -8.82 3.13 -7.51
C GLY A 17 -10.12 2.97 -6.75
N GLY A 1 2.09 -0.08 -1.97
CA GLY A 1 2.53 1.28 -1.69
C GLY A 1 3.32 1.37 -0.38
N PRO A 2 3.64 2.60 0.06
CA PRO A 2 4.40 2.80 1.30
C PRO A 2 3.55 2.57 2.55
N LYS A 3 2.95 3.63 3.08
CA LYS A 3 2.11 3.51 4.28
C LYS A 3 0.66 3.24 3.92
N GLY A 4 0.34 1.96 3.74
CA GLY A 4 -1.03 1.59 3.39
C GLY A 4 -1.51 0.37 4.15
N ASP A 5 -2.33 -0.44 3.49
CA ASP A 5 -2.87 -1.65 4.11
C ASP A 5 -2.44 -2.91 3.36
N PHE A 6 -2.16 -2.76 2.07
CA PHE A 6 -1.75 -3.89 1.24
C PHE A 6 -0.34 -3.68 0.67
N PRO A 7 0.66 -4.39 1.20
CA PRO A 7 2.05 -4.27 0.74
C PRO A 7 2.17 -4.31 -0.78
N ASP A 8 2.57 -3.18 -1.36
CA ASP A 8 2.73 -3.08 -2.81
C ASP A 8 4.17 -2.78 -3.18
N VAL A 9 4.77 -1.81 -2.48
CA VAL A 9 6.15 -1.42 -2.72
C VAL A 9 6.76 -0.79 -1.47
N GLY A 10 6.71 -1.53 -0.37
CA GLY A 10 7.25 -1.03 0.88
C GLY A 10 6.54 -1.59 2.09
N ASP A 11 5.42 -0.95 2.46
CA ASP A 11 4.64 -1.38 3.61
C ASP A 11 3.21 -1.71 3.19
N GLY A 12 2.66 -0.89 2.30
CA GLY A 12 1.29 -1.12 1.83
C GLY A 12 0.68 0.11 1.21
N ARG A 13 -0.45 -0.07 0.52
CA ARG A 13 -1.15 1.04 -0.12
C ARG A 13 -2.62 1.06 0.30
N ILE A 14 -3.22 2.25 0.27
CA ILE A 14 -4.62 2.41 0.64
C ILE A 14 -5.40 3.15 -0.44
N LEU A 15 -4.92 3.07 -1.68
CA LEU A 15 -5.58 3.74 -2.80
C LEU A 15 -5.36 2.96 -4.09
N ALA A 16 -6.26 2.03 -4.38
CA ALA A 16 -6.17 1.23 -5.59
C ALA A 16 -7.48 1.27 -6.39
N GLY A 17 -8.48 0.55 -5.91
CA GLY A 17 -9.76 0.53 -6.59
C GLY A 17 -10.82 -0.23 -5.81
N GLY A 1 1.86 -0.63 -2.08
CA GLY A 1 2.03 0.79 -1.88
C GLY A 1 2.94 1.11 -0.72
N PRO A 2 3.21 2.41 -0.47
CA PRO A 2 4.09 2.82 0.64
C PRO A 2 3.41 2.65 2.00
N LYS A 3 2.79 3.70 2.52
CA LYS A 3 2.12 3.64 3.81
C LYS A 3 0.65 3.22 3.65
N GLY A 4 0.41 1.92 3.61
CA GLY A 4 -0.95 1.43 3.46
C GLY A 4 -1.19 0.14 4.22
N ASP A 5 -2.18 -0.63 3.78
CA ASP A 5 -2.52 -1.89 4.43
C ASP A 5 -2.18 -3.09 3.54
N PHE A 6 -2.09 -2.85 2.24
CA PHE A 6 -1.77 -3.92 1.29
C PHE A 6 -0.36 -3.74 0.73
N PRO A 7 0.63 -4.40 1.36
CA PRO A 7 2.04 -4.31 0.93
C PRO A 7 2.19 -4.47 -0.59
N ASP A 8 2.73 -3.44 -1.23
CA ASP A 8 2.95 -3.46 -2.67
C ASP A 8 4.33 -2.91 -3.03
N VAL A 9 4.67 -1.77 -2.44
CA VAL A 9 5.97 -1.14 -2.68
C VAL A 9 6.58 -0.63 -1.38
N GLY A 10 6.28 -1.33 -0.29
CA GLY A 10 6.81 -0.94 1.00
C GLY A 10 6.00 -1.51 2.15
N ASP A 11 5.15 -0.69 2.75
CA ASP A 11 4.32 -1.12 3.87
C ASP A 11 2.92 -1.51 3.39
N GLY A 12 2.44 -0.82 2.35
CA GLY A 12 1.14 -1.11 1.81
C GLY A 12 0.54 0.07 1.06
N ARG A 13 -0.49 -0.20 0.27
CA ARG A 13 -1.16 0.85 -0.50
C ARG A 13 -2.51 1.21 0.13
N ILE A 14 -2.78 2.51 0.23
CA ILE A 14 -4.03 2.98 0.80
C ILE A 14 -5.14 3.04 -0.25
N LEU A 15 -4.76 3.36 -1.48
CA LEU A 15 -5.72 3.46 -2.57
C LEU A 15 -5.64 2.23 -3.48
N ALA A 16 -6.72 1.45 -3.50
CA ALA A 16 -6.78 0.25 -4.32
C ALA A 16 -7.82 0.38 -5.43
N GLY A 17 -7.50 1.18 -6.44
CA GLY A 17 -8.42 1.39 -7.54
C GLY A 17 -9.18 2.69 -7.43
N GLY A 1 2.13 -0.32 -1.94
CA GLY A 1 2.39 1.06 -1.63
C GLY A 1 3.29 1.24 -0.43
N PRO A 2 3.60 2.50 -0.05
CA PRO A 2 4.46 2.79 1.08
C PRO A 2 3.75 2.54 2.43
N LYS A 3 3.15 3.59 2.99
CA LYS A 3 2.45 3.46 4.27
C LYS A 3 0.99 3.10 4.05
N GLY A 4 0.71 1.80 3.93
CA GLY A 4 -0.66 1.35 3.74
C GLY A 4 -0.94 0.01 4.38
N ASP A 5 -1.91 -0.71 3.85
CA ASP A 5 -2.28 -2.02 4.37
C ASP A 5 -2.03 -3.13 3.35
N PHE A 6 -1.91 -2.75 2.08
CA PHE A 6 -1.67 -3.72 1.01
C PHE A 6 -0.23 -3.63 0.52
N PRO A 7 0.65 -4.53 1.00
CA PRO A 7 2.07 -4.55 0.60
C PRO A 7 2.25 -4.48 -0.91
N ASP A 8 2.79 -3.36 -1.37
CA ASP A 8 3.04 -3.17 -2.81
C ASP A 8 4.43 -2.61 -3.06
N VAL A 9 4.82 -1.62 -2.25
CA VAL A 9 6.13 -1.00 -2.39
C VAL A 9 6.58 -0.38 -1.07
N GLY A 10 6.62 -1.19 -0.01
CA GLY A 10 7.02 -0.69 1.29
C GLY A 10 6.27 -1.37 2.43
N ASP A 11 5.33 -0.66 3.02
CA ASP A 11 4.54 -1.19 4.13
C ASP A 11 3.14 -1.58 3.66
N GLY A 12 2.63 -0.86 2.67
CA GLY A 12 1.30 -1.14 2.15
C GLY A 12 0.76 -0.01 1.30
N ARG A 13 -0.27 -0.30 0.51
CA ARG A 13 -0.88 0.69 -0.36
C ARG A 13 -2.24 1.12 0.18
N ILE A 14 -2.76 2.23 -0.36
CA ILE A 14 -4.05 2.74 0.06
C ILE A 14 -4.80 3.37 -1.11
N LEU A 15 -4.59 2.81 -2.30
CA LEU A 15 -5.24 3.30 -3.51
C LEU A 15 -5.84 2.15 -4.32
N ALA A 16 -7.13 1.89 -4.10
CA ALA A 16 -7.81 0.82 -4.82
C ALA A 16 -9.19 1.27 -5.29
N GLY A 17 -9.37 1.30 -6.61
CA GLY A 17 -10.64 1.71 -7.18
C GLY A 17 -11.54 0.54 -7.50
N GLY A 1 1.37 -0.70 -2.01
CA GLY A 1 1.68 0.72 -1.90
C GLY A 1 2.68 1.01 -0.79
N PRO A 2 2.99 2.29 -0.54
CA PRO A 2 3.94 2.68 0.50
C PRO A 2 3.35 2.56 1.92
N LYS A 3 2.77 3.64 2.42
CA LYS A 3 2.18 3.62 3.76
C LYS A 3 0.71 3.22 3.71
N GLY A 4 0.45 1.92 3.75
CA GLY A 4 -0.92 1.43 3.71
C GLY A 4 -1.11 0.21 4.58
N ASP A 5 -2.12 -0.60 4.24
CA ASP A 5 -2.43 -1.81 5.00
C ASP A 5 -2.15 -3.07 4.18
N PHE A 6 -2.14 -2.92 2.85
CA PHE A 6 -1.89 -4.05 1.96
C PHE A 6 -0.57 -3.88 1.23
N PRO A 7 0.51 -4.54 1.73
CA PRO A 7 1.84 -4.45 1.11
C PRO A 7 1.80 -4.66 -0.40
N ASP A 8 2.18 -3.61 -1.14
CA ASP A 8 2.20 -3.68 -2.59
C ASP A 8 3.56 -3.26 -3.14
N VAL A 9 4.11 -2.18 -2.60
CA VAL A 9 5.40 -1.68 -3.03
C VAL A 9 6.04 -0.80 -1.95
N GLY A 10 6.10 -1.32 -0.73
CA GLY A 10 6.67 -0.58 0.38
C GLY A 10 6.20 -1.10 1.72
N ASP A 11 5.22 -0.42 2.30
CA ASP A 11 4.68 -0.82 3.60
C ASP A 11 3.17 -1.04 3.53
N GLY A 12 2.61 -0.95 2.32
CA GLY A 12 1.18 -1.14 2.16
C GLY A 12 0.53 -0.02 1.37
N ARG A 13 -0.59 -0.34 0.72
CA ARG A 13 -1.31 0.65 -0.08
C ARG A 13 -2.59 1.08 0.64
N ILE A 14 -3.04 2.30 0.36
CA ILE A 14 -4.25 2.84 0.97
C ILE A 14 -5.37 2.99 -0.05
N LEU A 15 -4.99 3.22 -1.31
CA LEU A 15 -5.98 3.38 -2.38
C LEU A 15 -5.99 2.16 -3.29
N ALA A 16 -7.11 1.93 -3.94
CA ALA A 16 -7.26 0.80 -4.85
C ALA A 16 -7.39 1.26 -6.30
N GLY A 17 -6.30 1.76 -6.85
CA GLY A 17 -6.31 2.24 -8.23
C GLY A 17 -4.98 2.03 -8.92
N GLY A 1 2.23 0.07 -2.22
CA GLY A 1 2.71 1.41 -1.93
C GLY A 1 3.50 1.48 -0.63
N PRO A 2 3.70 2.69 -0.09
CA PRO A 2 4.44 2.88 1.16
C PRO A 2 3.59 2.58 2.40
N LYS A 3 2.96 3.60 2.96
CA LYS A 3 2.12 3.42 4.15
C LYS A 3 0.67 3.12 3.76
N GLY A 4 0.36 1.83 3.64
CA GLY A 4 -0.98 1.43 3.27
C GLY A 4 -1.41 0.13 3.93
N ASP A 5 -2.32 -0.59 3.29
CA ASP A 5 -2.81 -1.86 3.82
C ASP A 5 -2.36 -3.03 2.96
N PHE A 6 -2.07 -2.75 1.69
CA PHE A 6 -1.64 -3.79 0.76
C PHE A 6 -0.17 -3.60 0.38
N PRO A 7 0.75 -4.22 1.13
CA PRO A 7 2.19 -4.11 0.87
C PRO A 7 2.53 -4.26 -0.60
N ASP A 8 2.68 -3.13 -1.28
CA ASP A 8 3.01 -3.13 -2.71
C ASP A 8 4.50 -2.94 -2.92
N VAL A 9 5.08 -1.98 -2.21
CA VAL A 9 6.51 -1.70 -2.31
C VAL A 9 7.08 -1.24 -0.98
N GLY A 10 6.65 -1.89 0.10
CA GLY A 10 7.12 -1.54 1.42
C GLY A 10 6.17 -1.96 2.52
N ASP A 11 5.25 -1.08 2.87
CA ASP A 11 4.26 -1.36 3.91
C ASP A 11 2.88 -1.56 3.31
N GLY A 12 2.60 -0.87 2.22
CA GLY A 12 1.31 -0.98 1.56
C GLY A 12 0.85 0.32 0.95
N ARG A 13 -0.22 0.25 0.16
CA ARG A 13 -0.78 1.44 -0.48
C ARG A 13 -2.19 1.73 0.03
N ILE A 14 -2.68 2.93 -0.26
CA ILE A 14 -4.01 3.34 0.17
C ILE A 14 -4.93 3.57 -1.03
N LEU A 15 -4.76 2.74 -2.06
CA LEU A 15 -5.57 2.84 -3.26
C LEU A 15 -6.57 1.68 -3.34
N ALA A 16 -7.85 2.00 -3.21
CA ALA A 16 -8.90 1.00 -3.27
C ALA A 16 -9.41 0.81 -4.70
N GLY A 17 -8.48 0.59 -5.62
CA GLY A 17 -8.85 0.40 -7.01
C GLY A 17 -9.46 1.66 -7.63
N GLY A 1 1.87 0.54 -2.12
CA GLY A 1 2.45 1.79 -1.70
C GLY A 1 3.34 1.65 -0.49
N PRO A 2 3.72 2.78 0.15
CA PRO A 2 4.59 2.76 1.33
C PRO A 2 3.83 2.42 2.62
N LYS A 3 3.32 3.44 3.31
CA LYS A 3 2.57 3.23 4.55
C LYS A 3 1.08 3.07 4.27
N GLY A 4 0.65 1.83 4.05
CA GLY A 4 -0.75 1.58 3.79
C GLY A 4 -1.21 0.24 4.34
N ASP A 5 -2.26 -0.31 3.74
CA ASP A 5 -2.80 -1.60 4.18
C ASP A 5 -2.59 -2.67 3.11
N PHE A 6 -2.43 -2.23 1.87
CA PHE A 6 -2.22 -3.16 0.76
C PHE A 6 -0.78 -3.09 0.24
N PRO A 7 0.09 -3.99 0.72
CA PRO A 7 1.49 -4.03 0.30
C PRO A 7 1.65 -3.93 -1.21
N ASP A 8 2.17 -2.80 -1.69
CA ASP A 8 2.37 -2.60 -3.12
C ASP A 8 3.86 -2.46 -3.45
N VAL A 9 4.57 -1.68 -2.63
CA VAL A 9 5.99 -1.47 -2.84
C VAL A 9 6.68 -1.04 -1.55
N GLY A 10 6.20 -1.56 -0.43
CA GLY A 10 6.78 -1.22 0.85
C GLY A 10 6.05 -1.88 2.02
N ASP A 11 5.18 -1.13 2.68
CA ASP A 11 4.43 -1.67 3.82
C ASP A 11 2.95 -1.79 3.47
N GLY A 12 2.48 -0.94 2.57
CA GLY A 12 1.07 -0.99 2.18
C GLY A 12 0.66 0.22 1.37
N ARG A 13 -0.49 0.11 0.70
CA ARG A 13 -1.02 1.19 -0.13
C ARG A 13 -2.27 1.80 0.52
N ILE A 14 -2.78 2.87 -0.08
CA ILE A 14 -3.97 3.53 0.42
C ILE A 14 -5.13 3.40 -0.55
N LEU A 15 -4.83 3.48 -1.85
CA LEU A 15 -5.85 3.36 -2.88
C LEU A 15 -5.51 2.23 -3.85
N ALA A 16 -6.23 1.12 -3.73
CA ALA A 16 -6.01 -0.03 -4.60
C ALA A 16 -7.33 -0.60 -5.11
N GLY A 17 -7.58 -0.45 -6.41
CA GLY A 17 -8.81 -0.96 -6.98
C GLY A 17 -9.96 0.03 -6.86
N GLY A 1 1.98 0.03 -1.86
CA GLY A 1 2.37 1.37 -1.48
C GLY A 1 3.33 1.40 -0.32
N PRO A 2 3.66 2.59 0.21
CA PRO A 2 4.57 2.73 1.34
C PRO A 2 3.89 2.41 2.68
N LYS A 3 3.36 3.42 3.36
CA LYS A 3 2.70 3.21 4.65
C LYS A 3 1.21 2.96 4.45
N GLY A 4 0.84 1.68 4.32
CA GLY A 4 -0.56 1.33 4.14
C GLY A 4 -0.89 -0.02 4.72
N ASP A 5 -1.99 -0.61 4.24
CA ASP A 5 -2.43 -1.92 4.72
C ASP A 5 -2.25 -2.99 3.65
N PHE A 6 -2.16 -2.56 2.39
CA PHE A 6 -2.00 -3.49 1.28
C PHE A 6 -0.62 -3.33 0.65
N PRO A 7 0.37 -4.13 1.11
CA PRO A 7 1.74 -4.08 0.60
C PRO A 7 1.79 -4.02 -0.93
N ASP A 8 2.52 -3.04 -1.45
CA ASP A 8 2.66 -2.87 -2.89
C ASP A 8 4.09 -2.49 -3.26
N VAL A 9 4.65 -1.53 -2.53
CA VAL A 9 6.01 -1.08 -2.78
C VAL A 9 6.69 -0.65 -1.48
N GLY A 10 6.44 -1.40 -0.42
CA GLY A 10 7.03 -1.09 0.87
C GLY A 10 6.30 -1.75 2.02
N ASP A 11 5.31 -1.06 2.57
CA ASP A 11 4.53 -1.59 3.68
C ASP A 11 3.06 -1.78 3.28
N GLY A 12 2.54 -0.84 2.51
CA GLY A 12 1.16 -0.93 2.06
C GLY A 12 0.70 0.34 1.36
N ARG A 13 -0.37 0.22 0.59
CA ARG A 13 -0.92 1.37 -0.13
C ARG A 13 -2.28 1.76 0.43
N ILE A 14 -2.88 2.79 -0.17
CA ILE A 14 -4.18 3.28 0.26
C ILE A 14 -5.03 3.72 -0.92
N LEU A 15 -4.77 3.14 -2.09
CA LEU A 15 -5.51 3.49 -3.30
C LEU A 15 -5.59 2.29 -4.25
N ALA A 16 -6.81 1.89 -4.57
CA ALA A 16 -7.03 0.74 -5.46
C ALA A 16 -8.33 0.92 -6.25
N GLY A 17 -8.73 -0.15 -6.95
CA GLY A 17 -9.95 -0.11 -7.72
C GLY A 17 -10.94 -1.18 -7.33
N GLY A 1 1.54 -0.87 -1.99
CA GLY A 1 1.71 0.57 -1.89
C GLY A 1 2.70 0.97 -0.81
N PRO A 2 2.92 2.28 -0.62
CA PRO A 2 3.86 2.79 0.39
C PRO A 2 3.29 2.69 1.81
N LYS A 3 2.62 3.74 2.28
CA LYS A 3 2.04 3.76 3.61
C LYS A 3 0.61 3.22 3.60
N GLY A 4 0.47 1.90 3.72
CA GLY A 4 -0.84 1.29 3.72
C GLY A 4 -0.90 0.03 4.56
N ASP A 5 -1.89 -0.82 4.29
CA ASP A 5 -2.05 -2.06 5.03
C ASP A 5 -1.77 -3.28 4.14
N PHE A 6 -1.79 -3.07 2.83
CA PHE A 6 -1.54 -4.15 1.88
C PHE A 6 -0.18 -3.98 1.21
N PRO A 7 0.87 -4.60 1.77
CA PRO A 7 2.23 -4.51 1.21
C PRO A 7 2.26 -4.73 -0.29
N ASP A 8 2.67 -3.70 -1.02
CA ASP A 8 2.75 -3.78 -2.48
C ASP A 8 4.10 -3.25 -2.98
N VAL A 9 4.51 -2.11 -2.45
CA VAL A 9 5.78 -1.50 -2.84
C VAL A 9 6.32 -0.61 -1.72
N GLY A 10 6.30 -1.13 -0.50
CA GLY A 10 6.79 -0.37 0.63
C GLY A 10 6.30 -0.93 1.96
N ASP A 11 5.31 -0.25 2.54
CA ASP A 11 4.74 -0.69 3.82
C ASP A 11 3.32 -1.22 3.63
N GLY A 12 2.65 -0.74 2.58
CA GLY A 12 1.30 -1.19 2.32
C GLY A 12 0.53 -0.23 1.42
N ARG A 13 -0.56 -0.71 0.84
CA ARG A 13 -1.39 0.12 -0.04
C ARG A 13 -2.65 0.58 0.69
N ILE A 14 -3.39 1.48 0.06
CA ILE A 14 -4.62 2.00 0.64
C ILE A 14 -5.65 2.31 -0.43
N LEU A 15 -5.21 2.96 -1.50
CA LEU A 15 -6.10 3.32 -2.61
C LEU A 15 -5.71 2.57 -3.88
N ALA A 16 -6.64 1.78 -4.42
CA ALA A 16 -6.39 1.03 -5.64
C ALA A 16 -7.12 1.62 -6.83
N GLY A 17 -7.31 2.93 -6.80
CA GLY A 17 -8.01 3.61 -7.89
C GLY A 17 -9.49 3.28 -7.92
N GLY A 1 2.19 0.20 -1.78
CA GLY A 1 2.76 1.46 -1.33
C GLY A 1 3.50 1.32 -0.01
N PRO A 2 4.02 2.44 0.54
CA PRO A 2 4.76 2.42 1.80
C PRO A 2 3.83 2.30 3.02
N LYS A 3 3.40 3.42 3.58
CA LYS A 3 2.51 3.40 4.74
C LYS A 3 1.05 3.39 4.31
N GLY A 4 0.50 2.21 4.07
CA GLY A 4 -0.89 2.10 3.66
C GLY A 4 -1.61 0.96 4.37
N ASP A 5 -1.72 -0.18 3.68
CA ASP A 5 -2.39 -1.35 4.23
C ASP A 5 -2.17 -2.56 3.34
N PHE A 6 -2.17 -2.34 2.04
CA PHE A 6 -1.97 -3.41 1.08
C PHE A 6 -0.58 -3.33 0.47
N PRO A 7 0.38 -4.13 0.99
CA PRO A 7 1.76 -4.13 0.51
C PRO A 7 1.86 -4.07 -1.01
N ASP A 8 2.36 -2.94 -1.51
CA ASP A 8 2.50 -2.74 -2.96
C ASP A 8 3.97 -2.59 -3.33
N VAL A 9 4.69 -1.75 -2.59
CA VAL A 9 6.11 -1.51 -2.84
C VAL A 9 6.81 -1.04 -1.58
N GLY A 10 6.48 -1.64 -0.45
CA GLY A 10 7.09 -1.26 0.81
C GLY A 10 6.40 -1.90 2.00
N ASP A 11 5.30 -1.30 2.43
CA ASP A 11 4.55 -1.82 3.57
C ASP A 11 3.07 -1.97 3.23
N GLY A 12 2.51 -0.95 2.59
CA GLY A 12 1.11 -1.00 2.22
C GLY A 12 0.68 0.23 1.44
N ARG A 13 -0.36 0.07 0.61
CA ARG A 13 -0.87 1.17 -0.20
C ARG A 13 -2.15 1.75 0.41
N ILE A 14 -2.64 2.83 -0.18
CA ILE A 14 -3.85 3.49 0.30
C ILE A 14 -4.81 3.78 -0.86
N LEU A 15 -4.79 2.91 -1.86
CA LEU A 15 -5.66 3.08 -3.03
C LEU A 15 -6.38 1.78 -3.36
N ALA A 16 -7.51 1.89 -4.05
CA ALA A 16 -8.30 0.72 -4.42
C ALA A 16 -8.80 0.84 -5.86
N GLY A 17 -9.01 -0.30 -6.51
CA GLY A 17 -9.49 -0.29 -7.88
C GLY A 17 -8.75 -1.28 -8.75
#